data_1FYI
#
_entry.id   1FYI
#
_cell.length_a   1.000
_cell.length_b   1.000
_cell.length_c   1.000
_cell.angle_alpha   90.00
_cell.angle_beta   90.00
_cell.angle_gamma   90.00
#
_symmetry.space_group_name_H-M   'P 1'
#
loop_
_entity.id
_entity.type
_entity.pdbx_description
1 polymer "5'-D(*CP*AP*GP*TP*GP*(2AR)P*GP*TP*CP*AP*C)-3'"
2 polymer "5'-D(*GP*TP*GP*AP*CP*(8OG)P*CP*AP*CP*TP*G)-3'"
#
loop_
_entity_poly.entity_id
_entity_poly.type
_entity_poly.pdbx_seq_one_letter_code
_entity_poly.pdbx_strand_id
1 'polydeoxyribonucleotide' (DC)(DA)(DG)(DT)(DG)(2AR)(DG)(DT)(DC)(DA)(DC) A
2 'polydeoxyribonucleotide' (DG)(DT)(DG)(DA)(DC)(8OG)(DC)(DA)(DC)(DT)(DG) B
#
loop_
_chem_comp.id
_chem_comp.type
_chem_comp.name
_chem_comp.formula
2AR DNA linking 2'-DEOXYARISTEROMYCIN-5'-PHOSPHATE 'C11 H16 N5 O5 P'
8OG DNA linking 8-OXO-2'-DEOXY-GUANOSINE-5'-MONOPHOSPHATE 'C10 H14 N5 O8 P'
DA DNA linking 2'-DEOXYADENOSINE-5'-MONOPHOSPHATE 'C10 H14 N5 O6 P'
DC DNA linking 2'-DEOXYCYTIDINE-5'-MONOPHOSPHATE 'C9 H14 N3 O7 P'
DG DNA linking 2'-DEOXYGUANOSINE-5'-MONOPHOSPHATE 'C10 H14 N5 O7 P'
DT DNA linking THYMIDINE-5'-MONOPHOSPHATE 'C10 H15 N2 O8 P'
#
# COMPACT_ATOMS: atom_id res chain seq x y z
P 2AR A 6 5.22 -3.05 8.07
OP1 2AR A 6 6.16 -2.55 9.10
OP2 2AR A 6 4.06 -3.88 8.46
O5' 2AR A 6 4.67 -1.78 7.23
C5' 2AR A 6 5.54 -0.69 6.88
C4' 2AR A 6 4.76 0.46 6.24
CX' 2AR A 6 4.09 0.00 4.92
C1' 2AR A 6 2.60 0.34 5.06
N9 2AR A 6 1.75 -0.63 4.35
C4 2AR A 6 0.99 -0.36 3.23
N3 2AR A 6 0.87 0.83 2.62
C2 2AR A 6 0.06 0.76 1.56
N1 2AR A 6 -0.56 -0.33 1.10
C6 2AR A 6 -0.42 -1.51 1.72
N6 2AR A 6 -1.05 -2.57 1.24
C5 2AR A 6 0.40 -1.55 2.85
N7 2AR A 6 0.76 -2.58 3.72
C8 2AR A 6 1.53 -1.97 4.55
C2' 2AR A 6 2.37 0.40 6.57
C3' 2AR A 6 3.64 0.96 7.16
O3' 2AR A 6 3.64 2.40 7.19
H5' 2AR A 6 6.30 -1.05 6.19
H5'' 2AR A 6 6.02 -0.33 7.79
H4' 2AR A 6 5.45 1.28 6.02
HX'1 2AR A 6 4.52 0.53 4.08
HX'2 2AR A 6 4.22 -1.07 4.81
H1' 2AR A 6 2.43 1.33 4.65
H2 2AR A 6 -0.10 1.68 1.00
H61 2AR A 6 -1.63 -2.49 0.42
H62 2AR A 6 -0.95 -3.47 1.69
H8 2AR A 6 2.00 -2.50 5.36
H2'' 2AR A 6 1.51 1.04 6.79
H2' 2AR A 6 2.20 -0.60 6.97
H3' 2AR A 6 3.79 0.58 8.17
P 8OG B 6 -5.06 0.43 -8.10
OP1 8OG B 6 -5.63 1.35 -9.11
OP2 8OG B 6 -4.19 -0.70 -8.53
O5' 8OG B 6 -4.25 1.28 -7.01
C5' 8OG B 6 -4.73 2.57 -6.60
C4' 8OG B 6 -3.75 3.26 -5.65
O4' 8OG B 6 -3.59 2.48 -4.43
C3' 8OG B 6 -2.37 3.40 -6.28
O3' 8OG B 6 -1.95 4.78 -6.25
C2' 8OG B 6 -1.47 2.52 -5.46
C1' 8OG B 6 -2.18 2.34 -4.15
N9 8OG B 6 -1.89 1.02 -3.55
C8 8OG B 6 -1.55 0.85 -2.24
N7 8OG B 6 -1.35 -0.34 -1.88
C5 8OG B 6 -1.58 -1.11 -3.02
C6 8OG B 6 -1.51 -2.52 -3.23
O6 8OG B 6 -1.22 -3.40 -2.42
N1 8OG B 6 -1.81 -2.84 -4.54
C2 8OG B 6 -2.15 -1.93 -5.54
N2 8OG B 6 -2.42 -2.45 -6.73
N3 8OG B 6 -2.21 -0.62 -5.35
C4 8OG B 6 -1.93 -0.27 -4.08
O8 8OG B 6 -1.44 1.84 -1.53
H5' 8OG B 6 -5.69 2.45 -6.10
H5'' 8OG B 6 -4.86 3.20 -7.48
H4' 8OG B 6 -4.13 4.25 -5.39
H3' 8OG B 6 -2.40 3.05 -7.30
H2' 8OG B 6 -1.34 1.56 -5.95
H2'' 8OG B 6 -0.50 3.01 -5.31
H1' 8OG B 6 -1.89 3.13 -3.45
H7 8OG B 6 -1.05 -0.66 -0.98
H1 8OG B 6 -1.79 -3.83 -4.77
H21 8OG B 6 -2.68 -1.85 -7.50
H22 8OG B 6 -2.37 -3.45 -6.88
P 2AR A 6 5.47 -3.28 7.90
OP1 2AR A 6 6.29 -2.90 9.07
OP2 2AR A 6 4.32 -4.19 8.06
O5' 2AR A 6 4.94 -1.93 7.19
C5' 2AR A 6 5.82 -0.83 6.95
C4' 2AR A 6 5.07 0.38 6.39
CX' 2AR A 6 4.41 0.06 5.04
C1' 2AR A 6 2.90 0.28 5.24
N9 2AR A 6 2.10 -0.70 4.44
C4 2AR A 6 1.37 -0.41 3.31
N3 2AR A 6 1.21 0.81 2.76
C2 2AR A 6 0.45 0.75 1.67
N1 2AR A 6 -0.09 -0.34 1.13
C6 2AR A 6 0.09 -1.54 1.70
N6 2AR A 6 -0.46 -2.61 1.12
C5 2AR A 6 0.87 -1.60 2.85
N7 2AR A 6 1.25 -2.66 3.67
C8 2AR A 6 1.95 -2.05 4.57
C2' 2AR A 6 2.69 0.22 6.73
C3' 2AR A 6 3.95 0.80 7.35
O3' 2AR A 6 3.90 2.24 7.45
H5' 2AR A 6 6.58 -1.14 6.21
H5'' 2AR A 6 6.32 -0.55 7.88
H4' 2AR A 6 5.77 1.21 6.26
HX'1 2AR A 6 4.79 0.71 4.26
HX'2 2AR A 6 4.59 -0.99 4.78
H1' 2AR A 6 2.65 1.28 4.89
H2 2AR A 6 0.25 1.70 1.16
H61 2AR A 6 -1.01 -2.52 0.28
H62 2AR A 6 -0.31 -3.53 1.53
H8 2AR A 6 2.43 -2.61 5.38
H2'' 2AR A 6 1.81 0.80 7.02
H2' 2AR A 6 2.57 -0.81 7.07
H3' 2AR A 6 4.12 0.38 8.34
P 8OG B 6 -4.84 -0.43 -8.32
OP1 8OG B 6 -5.18 0.31 -9.55
OP2 8OG B 6 -4.06 -1.67 -8.41
O5' 8OG B 6 -4.09 0.57 -7.31
C5' 8OG B 6 -4.60 1.87 -7.05
C4' 8OG B 6 -3.68 2.69 -6.15
O4' 8OG B 6 -3.50 2.04 -4.86
C3' 8OG B 6 -2.29 2.85 -6.77
O3' 8OG B 6 -1.96 4.24 -6.88
C2' 8OG B 6 -1.36 2.12 -5.84
C1' 8OG B 6 -2.11 2.04 -4.53
N9 8OG B 6 -1.74 0.83 -3.77
C8 8OG B 6 -1.28 0.86 -2.49
N7 8OG B 6 -1.03 -0.26 -1.98
C5 8OG B 6 -1.32 -1.21 -2.96
C6 8OG B 6 -1.23 -2.62 -2.96
O6 8OG B 6 -0.86 -3.36 -2.06
N1 8OG B 6 -1.65 -3.14 -4.18
C2 8OG B 6 -2.08 -2.40 -5.26
N2 8OG B 6 -2.45 -3.09 -6.34
N3 8OG B 6 -2.17 -1.06 -5.28
C4 8OG B 6 -1.78 -0.53 -4.10
O8 8OG B 6 -1.14 1.95 -1.94
H5' 8OG B 6 -5.57 1.78 -6.56
H5'' 8OG B 6 -4.74 2.40 -8.00
H4' 8OG B 6 -4.11 3.67 -5.99
H3' 8OG B 6 -2.28 2.38 -7.75
H2' 8OG B 6 -1.18 1.12 -6.23
H2'' 8OG B 6 -0.42 2.66 -5.73
H1' 8OG B 6 -1.88 2.92 -3.94
H7 8OG B 6 -0.68 -0.44 -1.03
H1 8OG B 6 -1.61 -4.15 -4.26
H21 8OG B 6 -2.79 -2.61 -7.16
H22 8OG B 6 -2.39 -4.10 -6.34
P 2AR A 6 5.02 -3.95 7.98
OP1 2AR A 6 5.87 -3.70 9.17
OP2 2AR A 6 3.86 -4.87 8.08
O5' 2AR A 6 4.49 -2.54 7.42
C5' 2AR A 6 5.40 -1.44 7.24
C4' 2AR A 6 4.68 -0.20 6.71
CX' 2AR A 6 4.02 -0.49 5.35
C1' 2AR A 6 2.53 -0.21 5.51
N9 2AR A 6 1.69 -1.12 4.69
C4 2AR A 6 0.96 -0.75 3.57
N3 2AR A 6 0.84 0.49 3.07
C2 2AR A 6 0.08 0.49 1.97
N1 2AR A 6 -0.50 -0.55 1.39
C6 2AR A 6 -0.35 -1.78 1.91
N6 2AR A 6 -0.93 -2.81 1.30
C5 2AR A 6 0.42 -1.91 3.06
N7 2AR A 6 0.77 -3.01 3.84
C8 2AR A 6 1.50 -2.46 4.76
C2' 2AR A 6 2.28 -0.29 7.01
C3' 2AR A 6 3.55 0.22 7.66
O3' 2AR A 6 3.54 1.65 7.81
H5' 2AR A 6 6.17 -1.74 6.52
H5'' 2AR A 6 5.86 -1.21 8.19
H4' 2AR A 6 5.39 0.61 6.61
HX'1 2AR A 6 4.44 0.15 4.58
HX'2 2AR A 6 4.16 -1.54 5.08
H1' 2AR A 6 2.33 0.82 5.19
H2 2AR A 6 -0.09 1.47 1.50
H61 2AR A 6 -1.48 -2.67 0.47
H62 2AR A 6 -0.82 -3.75 1.67
H8 2AR A 6 1.94 -3.06 5.55
H2'' 2AR A 6 1.42 0.31 7.30
H2' 2AR A 6 2.11 -1.32 7.31
H3' 2AR A 6 3.69 -0.26 8.63
P 8OG B 6 -5.20 -0.37 -8.11
OP1 8OG B 6 -5.67 0.46 -9.23
OP2 8OG B 6 -4.28 -1.51 -8.36
O5' 8OG B 6 -4.49 0.60 -7.02
C5' 8OG B 6 -5.05 1.87 -6.71
C4' 8OG B 6 -4.14 2.69 -5.81
O4' 8OG B 6 -3.95 2.04 -4.53
C3' 8OG B 6 -2.76 2.89 -6.44
O3' 8OG B 6 -2.43 4.28 -6.52
C2' 8OG B 6 -1.81 2.14 -5.55
C1' 8OG B 6 -2.54 2.03 -4.22
N9 8OG B 6 -2.16 0.81 -3.48
C8 8OG B 6 -1.77 0.80 -2.19
N7 8OG B 6 -1.50 -0.34 -1.70
C5 8OG B 6 -1.71 -1.25 -2.73
C6 8OG B 6 -1.57 -2.65 -2.78
O6 8OG B 6 -1.23 -3.43 -1.90
N1 8OG B 6 -1.89 -3.14 -4.05
C2 8OG B 6 -2.31 -2.37 -5.13
N2 8OG B 6 -2.57 -3.02 -6.25
N3 8OG B 6 -2.43 -1.04 -5.09
C4 8OG B 6 -2.13 -0.53 -3.87
O8 8OG B 6 -1.70 1.87 -1.58
H5' 8OG B 6 -6.01 1.73 -6.21
H5'' 8OG B 6 -5.21 2.42 -7.64
H4' 8OG B 6 -4.59 3.67 -5.63
H3' 8OG B 6 -2.75 2.44 -7.44
H2' 8OG B 6 -1.63 1.14 -5.95
H2'' 8OG B 6 -0.87 2.67 -5.44
H1' 8OG B 6 -2.31 2.90 -3.60
H7 8OG B 6 -1.16 -0.53 -0.77
H1 8OG B 6 -1.82 -4.14 -4.17
H21 8OG B 6 -2.88 -2.51 -7.07
H22 8OG B 6 -2.47 -4.03 -6.29
P 2AR A 6 5.57 -3.07 8.04
OP1 2AR A 6 6.50 -2.51 9.06
OP2 2AR A 6 4.45 -3.94 8.45
O5' 2AR A 6 4.97 -1.84 7.19
C5' 2AR A 6 5.80 -0.73 6.81
C4' 2AR A 6 4.98 0.41 6.20
CX' 2AR A 6 4.29 -0.06 4.90
C1' 2AR A 6 2.79 0.23 5.08
N9 2AR A 6 1.94 -0.77 4.38
C4 2AR A 6 1.14 -0.53 3.28
N3 2AR A 6 0.95 0.67 2.69
C2 2AR A 6 0.12 0.56 1.66
N1 2AR A 6 -0.48 -0.54 1.21
C6 2AR A 6 -0.27 -1.72 1.82
N6 2AR A 6 -0.86 -2.81 1.35
C5 2AR A 6 0.59 -1.74 2.92
N7 2AR A 6 1.02 -2.75 3.77
C8 2AR A 6 1.80 -2.11 4.58
C2' 2AR A 6 2.59 0.28 6.58
C3' 2AR A 6 3.88 0.87 7.15
O3' 2AR A 6 3.82 2.30 7.20
H5' 2AR A 6 6.54 -1.07 6.08
H5'' 2AR A 6 6.31 -0.35 7.70
H4' 2AR A 6 5.64 1.24 5.97
HX'1 2AR A 6 4.67 0.50 4.04
HX'2 2AR A 6 4.44 -1.12 4.75
H1' 2AR A 6 2.57 1.22 4.67
H2 2AR A 6 -0.10 1.48 1.12
H61 2AR A 6 -1.48 -2.75 0.55
H62 2AR A 6 -0.71 -3.71 1.80
H8 2AR A 6 2.31 -2.63 5.38
H2'' 2AR A 6 1.73 0.90 6.83
H2' 2AR A 6 2.45 -0.72 6.98
H3' 2AR A 6 4.05 0.47 8.14
P 8OG B 6 -5.24 0.61 -7.83
OP1 8OG B 6 -5.80 1.61 -8.76
OP2 8OG B 6 -4.36 -0.46 -8.33
O5' 8OG B 6 -4.48 1.39 -6.65
C5' 8OG B 6 -5.02 2.59 -6.09
C4' 8OG B 6 -4.05 3.23 -5.09
O4' 8OG B 6 -3.82 2.35 -3.97
C3' 8OG B 6 -2.71 3.52 -5.74
O3' 8OG B 6 -2.37 4.91 -5.58
C2' 8OG B 6 -1.73 2.62 -5.03
C1' 8OG B 6 -2.40 2.27 -3.73
N9 8OG B 6 -2.01 0.93 -3.25
C8 8OG B 6 -1.56 0.67 -2.00
N7 8OG B 6 -1.29 -0.53 -1.75
C5 8OG B 6 -1.56 -1.23 -2.92
C6 8OG B 6 -1.43 -2.61 -3.25
O6 8OG B 6 -1.07 -3.52 -2.53
N1 8OG B 6 -1.82 -2.85 -4.56
C2 8OG B 6 -2.27 -1.88 -5.46
N2 8OG B 6 -2.60 -2.32 -6.67
N3 8OG B 6 -2.38 -0.58 -5.16
C4 8OG B 6 -2.01 -0.31 -3.89
O8 8OG B 6 -1.44 1.61 -1.21
H5' 8OG B 6 -5.95 2.35 -5.58
H5'' 8OG B 6 -5.21 3.29 -6.89
H4' 8OG B 6 -4.49 4.16 -4.73
H3' 8OG B 6 -2.74 3.26 -6.80
H2' 8OG B 6 -1.56 1.73 -5.62
H2'' 8OG B 6 -0.78 3.14 -4.86
H1' 8OG B 6 -2.13 3.01 -2.97
H7 8OG B 6 -0.92 -0.90 -0.89
H1 8OG B 6 -1.76 -3.80 -4.87
H21 8OG B 6 -2.93 -1.66 -7.36
H22 8OG B 6 -2.51 -3.29 -6.90
P 2AR A 6 5.48 -2.71 8.07
OP1 2AR A 6 6.39 -2.16 9.09
OP2 2AR A 6 4.33 -3.57 8.48
O5' 2AR A 6 4.89 -1.48 7.20
C5' 2AR A 6 5.72 -0.39 6.84
C4' 2AR A 6 4.93 0.75 6.19
CX' 2AR A 6 4.24 0.29 4.89
C1' 2AR A 6 2.75 0.59 5.06
N9 2AR A 6 1.91 -0.42 4.36
C4 2AR A 6 1.11 -0.17 3.26
N3 2AR A 6 0.93 1.01 2.66
C2 2AR A 6 0.10 0.91 1.61
N1 2AR A 6 -0.49 -0.20 1.18
C6 2AR A 6 -0.29 -1.37 1.79
N6 2AR A 6 -0.89 -2.47 1.33
C5 2AR A 6 0.56 -1.38 2.90
N7 2AR A 6 0.97 -2.39 3.75
C8 2AR A 6 1.74 -1.75 4.56
C2' 2AR A 6 2.53 0.65 6.56
C3' 2AR A 6 3.81 1.24 7.13
O3' 2AR A 6 3.77 2.67 7.16
H5' 2AR A 6 6.48 -0.73 6.13
H5'' 2AR A 6 6.23 0.00 7.73
H4' 2AR A 6 5.59 1.58 5.97
HX'1 2AR A 6 4.64 0.83 4.04
HX'2 2AR A 6 4.39 -0.79 4.77
H1' 2AR A 6 2.54 1.56 4.64
H2 2AR A 6 -0.11 1.82 1.06
H61 2AR A 6 -1.50 -2.40 0.52
H62 2AR A 6 -0.74 -3.36 1.78
H8 2AR A 6 2.25 -2.27 5.37
H2'' 2AR A 6 1.68 1.27 6.80
H2' 2AR A 6 2.38 -0.35 6.97
H3' 2AR A 6 3.98 0.86 8.14
P 8OG B 6 -5.15 1.04 -7.81
OP1 8OG B 6 -5.71 2.07 -8.71
OP2 8OG B 6 -4.24 0.00 -8.33
O5' 8OG B 6 -4.41 1.77 -6.58
C5' 8OG B 6 -4.98 2.94 -5.98
C4' 8OG B 6 -4.03 3.57 -4.96
O4' 8OG B 6 -3.77 2.65 -3.86
C3' 8OG B 6 -2.70 3.92 -5.60
O3' 8OG B 6 -2.37 5.30 -5.38
C2' 8OG B 6 -1.69 3.01 -4.93
C1' 8OG B 6 -2.35 2.59 -3.63
N9 8OG B 6 -1.93 1.24 -3.20
C8 8OG B 6 -1.48 0.96 -1.96
N7 8OG B 6 -1.19 -0.24 -1.75
C5 8OG B 6 -1.44 -0.91 -2.94
C6 8OG B 6 -1.31 -2.27 -3.31
O6 8OG B 6 -0.91 -3.22 -2.63
N1 8OG B 6 -1.69 -2.48 -4.63
C2 8OG B 6 -2.15 -1.50 -5.49
N2 8OG B 6 -2.47 -1.90 -6.72
N3 8OG B 6 -2.29 -0.20 -5.16
C4 8OG B 6 -1.92 0.02 -3.87
O8 8OG B 6 -1.38 1.87 -1.15
H5' 8OG B 6 -5.91 2.67 -5.47
H5'' 8OG B 6 -5.20 3.67 -6.75
H4' 8OG B 6 -4.48 4.48 -4.56
H3' 8OG B 6 -2.72 3.70 -6.67
H2' 8OG B 6 -1.52 2.13 -5.55
H2'' 8OG B 6 -0.75 3.52 -4.75
H1' 8OG B 6 -2.09 3.32 -2.85
H7 8OG B 6 -0.79 -0.63 -0.91
H1 8OG B 6 -1.62 -3.42 -4.97
H21 8OG B 6 -2.83 -1.23 -7.39
H22 8OG B 6 -2.37 -2.87 -6.98
P 2AR A 6 4.91 -3.78 8.20
OP1 2AR A 6 5.73 -3.51 9.40
OP2 2AR A 6 3.77 -4.70 8.28
O5' 2AR A 6 4.38 -2.37 7.63
C5' 2AR A 6 5.26 -1.25 7.47
C4' 2AR A 6 4.52 -0.02 6.96
CX' 2AR A 6 3.89 -0.29 5.58
C1' 2AR A 6 2.40 -0.03 5.73
N9 2AR A 6 1.59 -0.95 4.87
C4 2AR A 6 0.90 -0.59 3.74
N3 2AR A 6 0.76 0.67 3.25
C2 2AR A 6 0.04 0.67 2.13
N1 2AR A 6 -0.51 -0.38 1.52
C6 2AR A 6 -0.36 -1.61 2.03
N6 2AR A 6 -0.90 -2.65 1.38
C5 2AR A 6 0.38 -1.75 3.20
N7 2AR A 6 0.74 -2.85 3.98
C8 2AR A 6 1.42 -2.30 4.92
C2' 2AR A 6 2.12 -0.16 7.22
C3' 2AR A 6 3.38 0.36 7.90
O3' 2AR A 6 3.34 1.80 8.08
H5' 2AR A 6 6.05 -1.51 6.78
H5'' 2AR A 6 5.71 -1.02 8.45
H4' 2AR A 6 5.22 0.82 6.88
HX'1 2AR A 6 4.32 0.38 4.83
HX'2 2AR A 6 4.06 -1.32 5.30
H1' 2AR A 6 2.18 0.99 5.42
H2 2AR A 6 -0.14 1.65 1.67
H61 2AR A 6 -1.42 -2.50 0.55
H62 2AR A 6 -0.77 -3.59 1.74
H8 2AR A 6 1.85 -2.90 5.70
H2'' 2AR A 6 1.25 0.43 7.50
H2' 2AR A 6 1.97 -1.19 7.50
H3' 2AR A 6 3.51 -0.12 8.86
P 8OG B 6 -4.96 -0.19 -8.05
OP1 8OG B 6 -5.41 0.65 -9.17
OP2 8OG B 6 -4.01 -1.30 -8.30
O5' 8OG B 6 -4.30 0.77 -6.92
C5' 8OG B 6 -4.87 2.05 -6.63
C4' 8OG B 6 -3.97 2.87 -5.72
O4' 8OG B 6 -3.79 2.24 -4.44
C3' 8OG B 6 -2.59 3.07 -6.34
O3' 8OG B 6 -2.26 4.47 -6.42
C2' 8OG B 6 -1.64 2.33 -5.43
C1' 8OG B 6 -2.39 2.22 -4.12
N9 8OG B 6 -2.03 0.99 -3.37
C8 8OG B 6 -1.68 0.98 -2.07
N7 8OG B 6 -1.41 -0.15 -1.58
C5 8OG B 6 -1.58 -1.06 -2.62
C6 8OG B 6 -1.44 -2.46 -2.69
O6 8OG B 6 -1.12 -3.24 -1.79
N1 8OG B 6 -1.72 -2.94 -3.97
C2 8OG B 6 -2.09 -2.16 -5.05
N2 8OG B 6 -2.33 -2.82 -6.18
N3 8OG B 6 -2.23 -0.83 -5.00
C4 8OG B 6 -1.97 -0.35 -3.77
O8 8OG B 6 -1.64 2.05 -1.46
H5' 8OG B 6 -5.84 1.90 -6.14
H5'' 8OG B 6 -5.03 2.58 -7.56
H4' 8OG B 6 -4.42 3.85 -5.57
H3' 8OG B 6 -2.57 2.62 -7.33
H2' 8OG B 6 -1.45 1.33 -5.83
H2'' 8OG B 6 -0.71 2.86 -5.31
H1' 8OG B 6 -2.16 3.09 -3.50
H7 8OG B 6 -1.12 -0.36 -0.64
H1 8OG B 6 -1.63 -3.94 -4.09
H21 8OG B 6 -2.60 -2.30 -7.01
H22 8OG B 6 -2.22 -3.82 -6.23
P 2AR A 6 5.70 -2.34 8.11
OP1 2AR A 6 6.57 -1.74 9.15
OP2 2AR A 6 4.57 -3.22 8.52
O5' 2AR A 6 5.10 -1.16 7.20
C5' 2AR A 6 5.90 0.00 6.88
C4' 2AR A 6 5.07 1.10 6.23
CX' 2AR A 6 4.46 0.62 4.91
C1' 2AR A 6 2.95 0.83 5.01
N9 2AR A 6 2.18 -0.21 4.27
C4 2AR A 6 1.45 -0.01 3.12
N3 2AR A 6 1.25 1.17 2.50
C2 2AR A 6 0.50 1.03 1.41
N1 2AR A 6 0.00 -0.11 0.94
C6 2AR A 6 0.22 -1.27 1.56
N6 2AR A 6 -0.29 -2.40 1.06
C5 2AR A 6 0.99 -1.24 2.72
N7 2AR A 6 1.41 -2.23 3.61
C8 2AR A 6 2.08 -1.55 4.47
C2' 2AR A 6 2.67 0.87 6.51
C3' 2AR A 6 3.89 1.52 7.13
O3' 2AR A 6 3.78 2.95 7.17
H5' 2AR A 6 6.70 -0.29 6.21
H5'' 2AR A 6 6.34 0.39 7.80
H4' 2AR A 6 5.70 1.97 6.04
HX'1 2AR A 6 4.85 1.19 4.07
HX'2 2AR A 6 4.67 -0.44 4.76
H1' 2AR A 6 2.69 1.81 4.59
H2 2AR A 6 0.27 1.93 0.86
H61 2AR A 6 -0.84 -2.36 0.22
H62 2AR A 6 -0.12 -3.28 1.52
H8 2AR A 6 2.56 -2.03 5.31
H2'' 2AR A 6 1.77 1.46 6.71
H2' 2AR A 6 2.55 -0.13 6.90
H3' 2AR A 6 4.05 1.14 8.14
P 8OG B 6 -4.68 1.16 -8.11
OP1 8OG B 6 -5.10 2.16 -9.11
OP2 8OG B 6 -3.86 0.00 -8.53
O5' 8OG B 6 -3.92 1.91 -6.92
C5' 8OG B 6 -4.48 3.09 -6.32
C4' 8OG B 6 -3.56 3.68 -5.26
O4' 8OG B 6 -3.35 2.74 -4.18
C3' 8OG B 6 -2.19 4.03 -5.84
O3' 8OG B 6 -1.88 5.42 -5.60
C2' 8OG B 6 -1.22 3.11 -5.13
C1' 8OG B 6 -1.94 2.69 -3.87
N9 8OG B 6 -1.54 1.33 -3.44
C8 8OG B 6 -1.04 1.07 -2.21
N7 8OG B 6 -0.75 -0.14 -1.99
C5 8OG B 6 -1.07 -0.82 -3.15
C6 8OG B 6 -0.96 -2.19 -3.50
O6 8OG B 6 -0.55 -3.12 -2.81
N1 8OG B 6 -1.40 -2.41 -4.80
C2 8OG B 6 -1.88 -1.45 -5.66
N2 8OG B 6 -2.25 -1.86 -6.87
N3 8OG B 6 -1.99 -0.14 -5.34
C4 8OG B 6 -1.57 0.10 -4.09
O8 8OG B 6 -0.90 2.00 -1.41
H5' 8OG B 6 -5.44 2.84 -5.87
H5'' 8OG B 6 -4.64 3.84 -7.11
H4' 8OG B 6 -4.02 4.59 -4.86
H3' 8OG B 6 -2.18 3.82 -6.91
H2' 8OG B 6 -1.03 2.24 -5.75
H2'' 8OG B 6 -0.29 3.63 -4.90
H1' 8OG B 6 -1.73 3.40 -3.08
H7 8OG B 6 -0.35 -0.52 -1.14
H1 8OG B 6 -1.35 -3.37 -5.13
H21 8OG B 6 -2.17 -2.84 -7.11
H22 8OG B 6 -2.63 -1.20 -7.54
P 2AR A 6 4.83 -3.57 7.94
OP1 2AR A 6 5.67 -3.27 9.11
OP2 2AR A 6 3.66 -4.48 8.08
O5' 2AR A 6 4.31 -2.18 7.31
C5' 2AR A 6 5.22 -1.09 7.11
C4' 2AR A 6 4.49 0.14 6.57
CX' 2AR A 6 3.83 -0.16 5.21
C1' 2AR A 6 2.34 0.14 5.38
N9 2AR A 6 1.48 -0.77 4.58
C4 2AR A 6 0.71 -0.41 3.49
N3 2AR A 6 0.56 0.83 3.01
C2 2AR A 6 -0.24 0.84 1.95
N1 2AR A 6 -0.85 -0.20 1.40
C6 2AR A 6 -0.69 -1.43 1.91
N6 2AR A 6 -1.31 -2.46 1.33
C5 2AR A 6 0.14 -1.56 3.02
N7 2AR A 6 0.52 -2.66 3.78
C8 2AR A 6 1.30 -2.12 4.65
C2' 2AR A 6 2.10 0.07 6.88
C3' 2AR A 6 3.37 0.59 7.51
O3' 2AR A 6 3.37 2.01 7.65
H5' 2AR A 6 5.98 -1.39 6.39
H5'' 2AR A 6 5.69 -0.83 8.06
H4' 2AR A 6 5.21 0.96 6.44
HX'1 2AR A 6 4.25 0.47 4.42
HX'2 2AR A 6 3.96 -1.21 4.96
H1' 2AR A 6 2.15 1.17 5.05
H2 2AR A 6 -0.43 1.82 1.48
H61 2AR A 6 -1.90 -2.32 0.52
H62 2AR A 6 -1.18 -3.40 1.70
H8 2AR A 6 1.78 -2.71 5.42
H2'' 2AR A 6 1.24 0.68 7.16
H2' 2AR A 6 1.93 -0.96 7.18
H3' 2AR A 6 3.51 0.12 8.50
P 8OG B 6 -5.87 0.92 -7.60
OP1 8OG B 6 -6.45 1.92 -8.53
OP2 8OG B 6 -5.03 -0.18 -8.12
O5' 8OG B 6 -5.02 1.72 -6.48
C5' 8OG B 6 -5.45 3.01 -6.02
C4' 8OG B 6 -4.38 3.66 -5.14
O4' 8OG B 6 -4.16 2.89 -3.94
C3' 8OG B 6 -3.05 3.76 -5.88
O3' 8OG B 6 -2.58 5.12 -5.88
C2' 8OG B 6 -2.12 2.85 -5.14
C1' 8OG B 6 -2.75 2.70 -3.76
N9 8OG B 6 -2.46 1.37 -3.17
C8 8OG B 6 -2.06 1.20 -1.90
N7 8OG B 6 -1.88 0.00 -1.54
C5 8OG B 6 -2.18 -0.77 -2.66
C6 8OG B 6 -2.14 -2.17 -2.86
O6 8OG B 6 -1.85 -3.06 -2.07
N1 8OG B 6 -2.52 -2.49 -4.17
C2 8OG B 6 -2.87 -1.58 -5.15
N2 8OG B 6 -3.21 -2.08 -6.33
N3 8OG B 6 -2.90 -0.25 -4.97
C4 8OG B 6 -2.53 0.09 -3.70
O8 8OG B 6 -1.89 2.18 -1.18
H5' 8OG B 6 -6.36 2.90 -5.45
H5'' 8OG B 6 -5.64 3.65 -6.88
H4' 8OG B 6 -4.72 4.67 -4.87
H3' 8OG B 6 -3.17 3.41 -6.91
H2' 8OG B 6 -2.08 1.89 -5.64
H2'' 8OG B 6 -1.11 3.27 -5.07
H1' 8OG B 6 -2.36 3.47 -3.11
H7 8OG B 6 -1.55 -0.33 -0.64
H1 8OG B 6 -2.53 -3.47 -4.39
H21 8OG B 6 -3.48 -1.47 -7.08
H22 8OG B 6 -3.19 -3.08 -6.48
P 2AR A 6 5.73 -2.44 8.19
OP1 2AR A 6 6.63 -1.85 9.22
OP2 2AR A 6 4.61 -3.31 8.61
O5' 2AR A 6 5.13 -1.23 7.30
C5' 2AR A 6 5.94 -0.10 6.95
C4' 2AR A 6 5.13 1.00 6.27
CX' 2AR A 6 4.49 0.49 4.96
C1' 2AR A 6 2.99 0.74 5.08
N9 2AR A 6 2.20 -0.30 4.37
C4 2AR A 6 1.46 -0.11 3.22
N3 2AR A 6 1.27 1.07 2.58
C2 2AR A 6 0.51 0.91 1.51
N1 2AR A 6 -0.03 -0.21 1.06
C6 2AR A 6 0.18 -1.38 1.71
N6 2AR A 6 -0.37 -2.50 1.23
C5 2AR A 6 0.96 -1.33 2.86
N7 2AR A 6 1.36 -2.32 3.76
C8 2AR A 6 2.07 -1.64 4.60
C2' 2AR A 6 2.72 0.82 6.58
C3' 2AR A 6 3.97 1.45 7.18
O3' 2AR A 6 3.88 2.89 7.18
H5' 2AR A 6 6.73 -0.42 6.28
H5'' 2AR A 6 6.39 0.30 7.86
H4' 2AR A 6 5.77 1.85 6.06
HX'1 2AR A 6 4.90 1.03 4.12
HX'2 2AR A 6 4.68 -0.57 4.85
H1' 2AR A 6 2.76 1.71 4.64
H2 2AR A 6 0.30 1.81 0.92
H61 2AR A 6 -0.92 -2.47 0.39
H62 2AR A 6 -0.21 -3.37 1.71
H8 2AR A 6 2.55 -2.12 5.44
H2'' 2AR A 6 1.83 1.43 6.78
H2' 2AR A 6 2.59 -0.17 7.00
H3' 2AR A 6 4.11 1.09 8.19
P 8OG B 6 -4.89 0.42 -8.10
OP1 8OG B 6 -5.33 1.34 -9.18
OP2 8OG B 6 -4.10 -0.78 -8.43
O5' 8OG B 6 -4.05 1.28 -7.02
C5' 8OG B 6 -4.53 2.56 -6.57
C4' 8OG B 6 -3.56 3.23 -5.61
O4' 8OG B 6 -3.39 2.43 -4.41
C3' 8OG B 6 -2.18 3.40 -6.25
O3' 8OG B 6 -1.78 4.77 -6.21
C2' 8OG B 6 -1.26 2.53 -5.42
C1' 8OG B 6 -1.99 2.32 -4.11
N9 8OG B 6 -1.66 1.01 -3.51
C8 8OG B 6 -1.21 0.88 -2.24
N7 8OG B 6 -0.99 -0.31 -1.87
C5 8OG B 6 -1.31 -1.12 -2.96
C6 8OG B 6 -1.27 -2.52 -3.13
O6 8OG B 6 -0.93 -3.39 -2.33
N1 8OG B 6 -1.69 -2.88 -4.41
C2 8OG B 6 -2.09 -1.99 -5.40
N2 8OG B 6 -2.47 -2.53 -6.56
N3 8OG B 6 -2.14 -0.66 -5.24
C4 8OG B 6 -1.74 -0.29 -4.01
O8 8OG B 6 -1.03 1.88 -1.56
H5' 8OG B 6 -5.50 2.42 -6.08
H5'' 8OG B 6 -4.68 3.20 -7.43
H4' 8OG B 6 -3.95 4.20 -5.34
H3' 8OG B 6 -2.20 3.03 -7.26
H2' 8OG B 6 -1.12 1.57 -5.93
H2'' 8OG B 6 -0.30 3.02 -5.27
H1' 8OG B 6 -1.72 3.12 -3.42
H7 8OG B 6 -0.64 -0.61 -0.97
H1 8OG B 6 -1.69 -3.86 -4.62
H21 8OG B 6 -2.43 -3.53 -6.68
H22 8OG B 6 -2.79 -1.93 -7.31
#